data_5X1T
#
_entry.id   5X1T
#
_cell.length_a   59.010
_cell.length_b   65.560
_cell.length_c   78.405
_cell.angle_alpha   90.00
_cell.angle_beta   90.00
_cell.angle_gamma   90.00
#
_symmetry.space_group_name_H-M   'P 2 21 21'
#
loop_
_entity.id
_entity.type
_entity.pdbx_description
1 polymer PpkA-294
2 non-polymer "ADENOSINE-5'-DIPHOSPHATE"
3 water water
#
_entity_poly.entity_id   1
_entity_poly.type   'polypeptide(L)'
_entity_poly.pdbx_seq_one_letter_code
;MSGTGITKPNSNSLPSGYRFNEFEIQEAIGEGGFGIVYRAYDHQLERTIAIKEYMPTSLAKRNDDLSIGLRGERFGKTFQ
AGLNSFIQEARLLARFSHPGLLHVLRFWEENGTAYMGTQFYSGTTLKNLQAQQPEKIDEAWIRRLLPPLFSAINTIHQEG
YLHRDISLDNIQIQESQLPVLLDFGSARKEIGNLSDETEIVLKPGFAPIEQYTENSDGEQGPWTDIYALGAVLHTLIVGS
PPPVSVVRSIEDSYQPLTERRPAGYSPELLRTVDRALALKPEDRPQTIDEMAELLEHHHHHH
;
_entity_poly.pdbx_strand_id   A
#
# COMPACT_ATOMS: atom_id res chain seq x y z
N SER A 11 9.86 14.21 15.14
CA SER A 11 10.10 13.91 13.74
C SER A 11 11.59 13.75 13.46
N ASN A 12 11.94 12.81 12.57
CA ASN A 12 13.31 12.61 12.13
C ASN A 12 13.56 13.17 10.73
N SER A 13 12.72 14.07 10.25
CA SER A 13 12.73 14.42 8.83
C SER A 13 13.74 15.51 8.51
N LEU A 14 14.24 15.46 7.27
CA LEU A 14 15.03 16.55 6.70
C LEU A 14 14.25 17.86 6.68
N PRO A 15 14.93 18.98 6.87
CA PRO A 15 14.23 20.27 6.93
C PRO A 15 13.87 20.81 5.56
N SER A 16 12.83 21.64 5.54
CA SER A 16 12.50 22.41 4.34
C SER A 16 13.71 23.24 3.91
N GLY A 17 14.05 23.17 2.62
CA GLY A 17 15.23 23.83 2.09
C GLY A 17 16.44 22.94 1.94
N TYR A 18 16.44 21.75 2.56
CA TYR A 18 17.49 20.77 2.32
C TYR A 18 17.60 20.44 0.83
N ARG A 19 18.84 20.29 0.34
CA ARG A 19 19.08 20.08 -1.07
C ARG A 19 19.73 18.73 -1.36
N PHE A 20 19.26 18.09 -2.43
CA PHE A 20 19.94 16.97 -3.10
C PHE A 20 20.24 17.44 -4.52
N ASN A 21 21.39 18.10 -4.71
CA ASN A 21 21.68 18.74 -5.99
C ASN A 21 20.50 19.61 -6.43
N GLU A 22 19.83 19.24 -7.53
CA GLU A 22 18.73 20.04 -8.07
C GLU A 22 17.44 19.91 -7.27
N PHE A 23 17.33 18.91 -6.41
CA PHE A 23 16.11 18.70 -5.62
C PHE A 23 16.16 19.50 -4.34
N GLU A 24 15.03 20.09 -3.95
CA GLU A 24 14.91 20.78 -2.68
C GLU A 24 13.73 20.20 -1.92
N ILE A 25 13.96 19.82 -0.66
CA ILE A 25 12.88 19.39 0.22
C ILE A 25 11.97 20.56 0.54
N GLN A 26 10.66 20.34 0.42
CA GLN A 26 9.69 21.37 0.80
C GLN A 26 8.97 21.07 2.09
N GLU A 27 8.47 19.85 2.24
CA GLU A 27 7.80 19.48 3.49
C GLU A 27 7.83 17.98 3.65
N ALA A 28 8.00 17.52 4.89
CA ALA A 28 7.73 16.11 5.21
C ALA A 28 6.22 15.92 5.29
N ILE A 29 5.66 15.10 4.39
CA ILE A 29 4.22 14.93 4.32
C ILE A 29 3.78 13.57 4.82
N GLY A 30 4.71 12.63 5.00
CA GLY A 30 4.37 11.35 5.60
C GLY A 30 5.54 10.82 6.37
N GLU A 31 5.31 10.33 7.58
CA GLU A 31 6.40 9.82 8.40
C GLU A 31 5.87 8.59 9.13
N GLY A 32 6.35 7.42 8.74
CA GLY A 32 6.00 6.20 9.43
C GLY A 32 7.21 5.58 10.09
N GLY A 33 7.08 4.35 10.55
CA GLY A 33 8.19 3.72 11.21
C GLY A 33 9.29 3.26 10.27
N PHE A 34 9.07 3.33 8.96
CA PHE A 34 10.01 2.73 8.01
C PHE A 34 10.46 3.66 6.91
N GLY A 35 9.84 4.81 6.74
CA GLY A 35 10.38 5.80 5.83
C GLY A 35 9.66 7.11 6.00
N ILE A 36 10.21 8.13 5.36
CA ILE A 36 9.64 9.47 5.37
C ILE A 36 9.36 9.85 3.93
N VAL A 37 8.20 10.45 3.69
CA VAL A 37 7.86 10.96 2.37
C VAL A 37 7.85 12.48 2.42
N TYR A 38 8.51 13.10 1.44
CA TYR A 38 8.62 14.55 1.33
C TYR A 38 7.98 15.05 0.05
N ARG A 39 7.30 16.18 0.13
CA ARG A 39 7.10 17.00 -1.06
C ARG A 39 8.43 17.71 -1.34
N ALA A 40 8.87 17.66 -2.59
CA ALA A 40 10.14 18.23 -2.99
C ALA A 40 9.98 18.90 -4.35
N TYR A 41 11.02 19.61 -4.76
CA TYR A 41 10.95 20.38 -5.99
C TYR A 41 12.22 20.13 -6.78
N ASP A 42 12.06 19.86 -8.07
CA ASP A 42 13.18 19.69 -8.99
C ASP A 42 13.42 21.05 -9.66
N HIS A 43 14.54 21.71 -9.32
CA HIS A 43 14.82 23.01 -9.90
C HIS A 43 15.28 22.92 -11.35
N GLN A 44 15.75 21.76 -11.79
CA GLN A 44 16.14 21.61 -13.19
C GLN A 44 14.92 21.52 -14.09
N LEU A 45 13.98 20.64 -13.77
CA LEU A 45 12.78 20.46 -14.57
C LEU A 45 11.61 21.33 -14.11
N GLU A 46 11.81 22.08 -13.03
CA GLU A 46 10.80 22.97 -12.45
C GLU A 46 9.48 22.24 -12.22
N ARG A 47 9.55 21.14 -11.49
CA ARG A 47 8.34 20.40 -11.16
C ARG A 47 8.42 19.86 -9.74
N THR A 48 7.24 19.78 -9.13
CA THR A 48 7.08 19.18 -7.82
C THR A 48 7.16 17.67 -7.96
N ILE A 49 7.90 17.04 -7.06
CA ILE A 49 8.00 15.59 -6.99
C ILE A 49 7.81 15.16 -5.54
N ALA A 50 7.75 13.85 -5.32
CA ALA A 50 7.88 13.31 -3.98
C ALA A 50 9.22 12.59 -3.86
N ILE A 51 9.78 12.60 -2.65
CA ILE A 51 10.97 11.85 -2.34
C ILE A 51 10.63 10.95 -1.15
N LYS A 52 10.91 9.74 -1.24
CA LYS A 52 10.73 8.73 -0.21
C LYS A 52 12.10 8.33 0.34
N GLU A 53 12.32 8.50 1.61
CA GLU A 53 13.59 8.23 2.27
C GLU A 53 13.41 6.98 3.14
N TYR A 54 14.23 5.99 2.93
CA TYR A 54 14.24 4.81 3.77
C TYR A 54 14.72 5.27 5.17
N MET A 55 13.97 4.94 6.21
CA MET A 55 14.30 5.35 7.55
C MET A 55 13.59 4.50 8.59
N PRO A 56 14.13 3.33 8.87
CA PRO A 56 13.52 2.43 9.84
C PRO A 56 13.86 2.93 11.27
N THR A 57 12.90 3.53 11.93
CA THR A 57 13.19 4.19 13.20
C THR A 57 13.62 3.21 14.28
N SER A 58 13.21 1.94 14.20
CA SER A 58 13.65 0.99 15.21
C SER A 58 15.12 0.60 15.04
N LEU A 59 15.70 0.90 13.88
CA LEU A 59 17.06 0.48 13.57
C LEU A 59 18.03 1.65 13.50
N ALA A 60 17.53 2.86 13.24
CA ALA A 60 18.40 3.95 12.81
C ALA A 60 17.88 5.27 13.35
N LYS A 61 18.79 6.26 13.42
CA LYS A 61 18.49 7.57 13.95
C LYS A 61 19.12 8.64 13.05
N ARG A 62 18.64 9.87 13.17
CA ARG A 62 19.17 10.98 12.39
C ARG A 62 20.40 11.56 13.09
N ASN A 63 21.53 11.59 12.39
CA ASN A 63 22.75 12.21 12.89
C ASN A 63 22.68 13.73 12.80
N ASP A 64 23.67 14.38 13.43
CA ASP A 64 23.69 15.85 13.43
C ASP A 64 23.84 16.42 12.03
N ASP A 65 24.61 15.76 11.18
CA ASP A 65 24.80 16.23 9.81
C ASP A 65 23.67 15.77 8.89
N LEU A 66 22.62 15.18 9.47
CA LEU A 66 21.38 14.71 8.84
C LEU A 66 21.56 13.43 8.04
N SER A 67 22.73 12.79 8.11
CA SER A 67 22.81 11.41 7.66
C SER A 67 22.10 10.51 8.66
N ILE A 68 22.00 9.23 8.30
CA ILE A 68 21.35 8.20 9.09
C ILE A 68 22.42 7.27 9.66
N GLY A 69 22.29 6.92 10.95
CA GLY A 69 23.21 6.01 11.58
C GLY A 69 22.47 4.96 12.39
N LEU A 70 23.12 3.82 12.59
CA LEU A 70 22.47 2.74 13.33
C LEU A 70 22.30 3.11 14.79
N ARG A 71 21.13 2.76 15.35
CA ARG A 71 20.89 2.94 16.79
C ARG A 71 21.70 1.95 17.60
N GLY A 72 22.03 0.81 17.01
CA GLY A 72 22.90 -0.16 17.65
C GLY A 72 23.61 -0.94 16.58
N GLU A 73 24.85 -1.33 16.87
CA GLU A 73 25.64 -2.02 15.86
C GLU A 73 25.01 -3.36 15.49
N ARG A 74 24.23 -3.96 16.40
CA ARG A 74 23.58 -5.23 16.09
C ARG A 74 22.52 -5.11 15.01
N PHE A 75 22.09 -3.89 14.66
CA PHE A 75 21.02 -3.71 13.69
C PHE A 75 21.52 -3.60 12.25
N GLY A 76 22.83 -3.71 12.02
CA GLY A 76 23.38 -3.43 10.69
C GLY A 76 22.88 -4.36 9.60
N LYS A 77 22.90 -5.67 9.86
CA LYS A 77 22.45 -6.63 8.85
C LYS A 77 20.97 -6.44 8.51
N THR A 78 20.13 -6.24 9.52
CA THR A 78 18.71 -6.03 9.24
C THR A 78 18.49 -4.71 8.52
N PHE A 79 19.24 -3.67 8.90
CA PHE A 79 19.11 -2.39 8.20
C PHE A 79 19.46 -2.52 6.73
N GLN A 80 20.55 -3.23 6.42
CA GLN A 80 20.96 -3.39 5.02
C GLN A 80 19.97 -4.24 4.26
N ALA A 81 19.38 -5.27 4.89
CA ALA A 81 18.39 -6.07 4.19
C ALA A 81 17.17 -5.24 3.88
N GLY A 82 16.74 -4.40 4.82
CA GLY A 82 15.62 -3.50 4.55
C GLY A 82 15.94 -2.55 3.42
N LEU A 83 17.16 -2.01 3.42
CA LEU A 83 17.60 -1.14 2.34
C LEU A 83 17.57 -1.87 1.01
N ASN A 84 18.08 -3.10 0.98
CA ASN A 84 18.06 -3.88 -0.27
C ASN A 84 16.64 -4.10 -0.74
N SER A 85 15.72 -4.36 0.18
CA SER A 85 14.32 -4.56 -0.21
C SER A 85 13.70 -3.28 -0.73
N PHE A 86 14.06 -2.15 -0.13
CA PHE A 86 13.63 -0.84 -0.63
C PHE A 86 14.08 -0.64 -2.08
N ILE A 87 15.35 -0.96 -2.37
CA ILE A 87 15.86 -0.86 -3.74
C ILE A 87 15.07 -1.79 -4.67
N GLN A 88 14.86 -3.03 -4.24
CA GLN A 88 14.13 -3.97 -5.10
C GLN A 88 12.70 -3.49 -5.36
N GLU A 89 12.07 -2.86 -4.36
CA GLU A 89 10.72 -2.35 -4.60
C GLU A 89 10.73 -1.21 -5.60
N ALA A 90 11.74 -0.33 -5.52
CA ALA A 90 11.85 0.76 -6.49
C ALA A 90 12.04 0.20 -7.89
N ARG A 91 12.83 -0.86 -8.03
CA ARG A 91 13.02 -1.50 -9.33
C ARG A 91 11.73 -2.11 -9.85
N LEU A 92 10.94 -2.73 -8.98
CA LEU A 92 9.66 -3.29 -9.42
C LEU A 92 8.74 -2.18 -9.90
N LEU A 93 8.63 -1.09 -9.13
CA LEU A 93 7.74 -0.02 -9.55
C LEU A 93 8.26 0.64 -10.82
N ALA A 94 9.58 0.61 -11.03
CA ALA A 94 10.16 1.21 -12.23
C ALA A 94 9.82 0.45 -13.50
N ARG A 95 9.25 -0.76 -13.38
CA ARG A 95 8.85 -1.54 -14.53
C ARG A 95 7.59 -1.00 -15.20
N PHE A 96 6.83 -0.15 -14.52
CA PHE A 96 5.50 0.22 -14.98
C PHE A 96 5.44 1.69 -15.33
N SER A 97 4.51 2.02 -16.25
CA SER A 97 4.16 3.41 -16.55
CA SER A 97 4.16 3.40 -16.58
C SER A 97 2.63 3.43 -16.68
N HIS A 98 1.98 3.52 -15.52
CA HIS A 98 0.55 3.35 -15.40
C HIS A 98 0.02 4.41 -14.45
N PRO A 99 -1.11 5.04 -14.77
CA PRO A 99 -1.58 6.15 -13.92
C PRO A 99 -1.95 5.73 -12.52
N GLY A 100 -2.22 4.45 -12.29
CA GLY A 100 -2.62 3.95 -11.00
C GLY A 100 -1.51 3.32 -10.19
N LEU A 101 -0.27 3.39 -10.66
CA LEU A 101 0.87 2.84 -9.96
C LEU A 101 1.89 3.94 -9.76
N LEU A 102 2.44 4.02 -8.54
CA LEU A 102 3.42 5.06 -8.20
C LEU A 102 4.53 5.09 -9.24
N HIS A 103 4.73 6.26 -9.88
CA HIS A 103 5.70 6.33 -10.97
C HIS A 103 7.05 6.76 -10.43
N VAL A 104 8.06 5.92 -10.63
CA VAL A 104 9.37 6.16 -10.05
C VAL A 104 10.16 7.03 -11.00
N LEU A 105 10.46 8.21 -10.52
CA LEU A 105 11.41 8.99 -11.27
C LEU A 105 12.80 8.67 -10.77
N ARG A 106 13.16 8.95 -9.51
CA ARG A 106 14.59 8.98 -9.25
C ARG A 106 14.95 7.92 -8.16
N PHE A 107 16.14 7.32 -8.24
CA PHE A 107 16.70 6.52 -7.13
C PHE A 107 18.21 6.77 -6.91
N TRP A 108 18.58 6.93 -5.65
CA TRP A 108 19.99 7.16 -5.31
C TRP A 108 20.24 6.84 -3.84
N GLU A 109 21.51 6.57 -3.53
CA GLU A 109 21.94 6.35 -2.17
C GLU A 109 22.75 7.55 -1.71
N GLU A 110 22.48 7.99 -0.47
CA GLU A 110 23.12 9.15 0.14
C GLU A 110 22.75 9.12 1.62
N ASN A 111 23.54 9.83 2.44
CA ASN A 111 23.24 9.99 3.86
C ASN A 111 23.17 8.66 4.62
N GLY A 112 23.80 7.62 4.10
CA GLY A 112 23.72 6.32 4.75
C GLY A 112 22.42 5.60 4.52
N THR A 113 21.62 6.06 3.57
CA THR A 113 20.34 5.44 3.30
C THR A 113 20.06 5.54 1.81
N ALA A 114 18.79 5.45 1.42
CA ALA A 114 18.42 5.45 0.01
C ALA A 114 17.17 6.29 -0.19
N TYR A 115 17.04 6.82 -1.41
CA TYR A 115 15.98 7.76 -1.77
C TYR A 115 15.36 7.37 -3.10
N MET A 116 14.03 7.45 -3.14
CA MET A 116 13.27 7.29 -4.37
C MET A 116 12.62 8.63 -4.69
N GLY A 117 12.91 9.17 -5.87
CA GLY A 117 12.17 10.31 -6.37
C GLY A 117 11.03 9.78 -7.21
N THR A 118 9.82 10.27 -6.95
CA THR A 118 8.63 9.77 -7.62
C THR A 118 7.74 10.92 -8.06
N GLN A 119 6.79 10.58 -8.91
CA GLN A 119 5.74 11.53 -9.22
C GLN A 119 5.04 11.95 -7.94
N PHE A 120 4.63 13.22 -7.88
CA PHE A 120 3.88 13.73 -6.74
C PHE A 120 2.39 13.58 -6.99
N TYR A 121 1.68 13.00 -6.03
CA TYR A 121 0.24 12.81 -6.18
C TYR A 121 -0.53 13.69 -5.21
N SER A 122 -1.59 14.30 -5.71
CA SER A 122 -2.49 15.07 -4.86
C SER A 122 -3.33 14.15 -3.99
N GLY A 123 -4.10 14.76 -3.09
CA GLY A 123 -5.04 14.00 -2.30
C GLY A 123 -4.42 13.43 -1.04
N THR A 124 -5.00 12.31 -0.59
CA THR A 124 -4.60 11.67 0.64
C THR A 124 -4.85 10.18 0.49
N THR A 125 -4.42 9.41 1.50
CA THR A 125 -4.65 7.97 1.47
C THR A 125 -6.11 7.66 1.67
N LEU A 126 -6.49 6.47 1.19
CA LEU A 126 -7.86 6.00 1.40
C LEU A 126 -8.15 5.88 2.89
N LYS A 127 -7.15 5.47 3.67
CA LYS A 127 -7.33 5.35 5.13
C LYS A 127 -7.69 6.71 5.73
N ASN A 128 -7.03 7.78 5.28
CA ASN A 128 -7.33 9.10 5.82
C ASN A 128 -8.67 9.62 5.32
N LEU A 129 -9.00 9.34 4.06
CA LEU A 129 -10.30 9.75 3.53
C LEU A 129 -11.43 9.07 4.28
N GLN A 130 -11.28 7.77 4.53
CA GLN A 130 -12.31 7.04 5.28
C GLN A 130 -12.44 7.57 6.70
N ALA A 131 -11.35 8.05 7.30
CA ALA A 131 -11.43 8.57 8.65
C ALA A 131 -12.00 9.98 8.68
N GLN A 132 -11.69 10.80 7.69
CA GLN A 132 -12.03 12.21 7.69
C GLN A 132 -13.35 12.52 6.99
N GLN A 133 -13.63 11.86 5.87
CA GLN A 133 -14.84 12.12 5.09
C GLN A 133 -15.55 10.81 4.75
N PRO A 134 -15.93 10.01 5.76
CA PRO A 134 -16.64 8.76 5.45
C PRO A 134 -17.95 8.97 4.73
N GLU A 135 -18.54 10.18 4.81
CA GLU A 135 -19.81 10.45 4.13
C GLU A 135 -19.66 10.50 2.62
N LYS A 136 -18.44 10.72 2.11
CA LYS A 136 -18.17 10.70 0.69
C LYS A 136 -18.17 9.28 0.12
N ILE A 137 -17.99 8.27 0.97
CA ILE A 137 -17.81 6.90 0.51
C ILE A 137 -19.18 6.25 0.50
N ASP A 138 -19.76 6.12 -0.69
CA ASP A 138 -21.00 5.38 -0.87
C ASP A 138 -20.83 4.42 -2.06
N GLU A 139 -21.90 3.72 -2.41
CA GLU A 139 -21.76 2.71 -3.45
C GLU A 139 -21.35 3.34 -4.78
N ALA A 140 -21.94 4.49 -5.13
CA ALA A 140 -21.59 5.11 -6.39
C ALA A 140 -20.11 5.48 -6.44
N TRP A 141 -19.59 6.02 -5.35
CA TRP A 141 -18.17 6.36 -5.27
C TRP A 141 -17.31 5.11 -5.37
N ILE A 142 -17.71 4.03 -4.70
CA ILE A 142 -16.93 2.78 -4.78
C ILE A 142 -16.95 2.24 -6.19
N ARG A 143 -18.09 2.31 -6.87
CA ARG A 143 -18.13 1.77 -8.23
C ARG A 143 -17.32 2.62 -9.21
N ARG A 144 -17.10 3.90 -8.90
CA ARG A 144 -16.19 4.71 -9.70
C ARG A 144 -14.74 4.44 -9.37
N LEU A 145 -14.45 4.07 -8.11
CA LEU A 145 -13.09 3.75 -7.70
C LEU A 145 -12.60 2.45 -8.34
N LEU A 146 -13.49 1.49 -8.53
CA LEU A 146 -13.00 0.15 -8.81
C LEU A 146 -12.37 -0.01 -10.20
N PRO A 147 -12.90 0.55 -11.28
CA PRO A 147 -12.26 0.32 -12.59
C PRO A 147 -10.79 0.72 -12.60
N PRO A 148 -10.43 1.93 -12.17
CA PRO A 148 -8.99 2.27 -12.15
C PRO A 148 -8.20 1.47 -11.13
N LEU A 149 -8.80 1.09 -10.00
CA LEU A 149 -8.08 0.30 -9.01
C LEU A 149 -7.85 -1.12 -9.52
N PHE A 150 -8.88 -1.72 -10.12
CA PHE A 150 -8.75 -2.98 -10.83
C PHE A 150 -7.64 -2.91 -11.86
N SER A 151 -7.63 -1.85 -12.67
CA SER A 151 -6.65 -1.74 -13.74
C SER A 151 -5.24 -1.74 -13.17
N ALA A 152 -5.03 -1.00 -12.08
CA ALA A 152 -3.70 -0.91 -11.49
C ALA A 152 -3.24 -2.26 -10.96
N ILE A 153 -4.10 -2.95 -10.20
CA ILE A 153 -3.73 -4.25 -9.65
C ILE A 153 -3.49 -5.24 -10.77
N ASN A 154 -4.39 -5.26 -11.78
CA ASN A 154 -4.26 -6.21 -12.87
C ASN A 154 -2.96 -5.99 -13.64
N THR A 155 -2.50 -4.75 -13.75
CA THR A 155 -1.26 -4.47 -14.46
C THR A 155 -0.07 -5.13 -13.76
N ILE A 156 -0.07 -5.12 -12.43
CA ILE A 156 0.95 -5.85 -11.67
C ILE A 156 0.89 -7.33 -11.99
N HIS A 157 -0.29 -7.88 -11.88
CA HIS A 157 -0.51 -9.30 -12.14
C HIS A 157 -0.15 -9.75 -13.53
N GLN A 158 -0.45 -8.94 -14.52
CA GLN A 158 -0.15 -9.32 -15.89
C GLN A 158 1.34 -9.42 -16.18
N GLU A 159 2.19 -8.73 -15.44
CA GLU A 159 3.58 -8.81 -15.61
C GLU A 159 4.22 -9.91 -14.73
N GLY A 160 3.41 -10.69 -14.05
CA GLY A 160 3.88 -11.79 -13.22
C GLY A 160 4.18 -11.53 -11.76
N TYR A 161 3.72 -10.41 -11.26
CA TYR A 161 3.98 -10.05 -9.88
C TYR A 161 2.68 -10.02 -9.08
N LEU A 162 2.85 -10.02 -7.76
CA LEU A 162 1.74 -9.82 -6.83
C LEU A 162 2.07 -8.63 -5.94
N HIS A 163 1.02 -7.98 -5.44
CA HIS A 163 1.19 -6.83 -4.56
C HIS A 163 1.50 -7.27 -3.13
N ARG A 164 0.58 -8.01 -2.52
CA ARG A 164 0.70 -8.73 -1.25
C ARG A 164 0.70 -7.83 -0.01
N ASP A 165 0.42 -6.54 -0.17
CA ASP A 165 0.33 -5.64 0.97
C ASP A 165 -0.83 -4.66 0.86
N ILE A 166 -1.90 -5.03 0.14
CA ILE A 166 -3.01 -4.09 -0.06
C ILE A 166 -3.74 -3.87 1.25
N SER A 167 -3.96 -2.59 1.60
CA SER A 167 -4.96 -2.17 2.58
C SER A 167 -5.36 -0.74 2.23
N LEU A 168 -6.03 -0.05 3.15
CA LEU A 168 -6.38 1.34 2.88
C LEU A 168 -5.18 2.27 3.03
N ASP A 169 -4.14 1.82 3.72
CA ASP A 169 -3.07 2.74 4.07
C ASP A 169 -2.21 3.13 2.88
N ASN A 170 -2.16 2.29 1.84
CA ASN A 170 -1.23 2.51 0.74
C ASN A 170 -1.93 2.66 -0.60
N ILE A 171 -3.19 3.07 -0.58
CA ILE A 171 -3.92 3.50 -1.77
C ILE A 171 -4.13 5.00 -1.64
N GLN A 172 -3.55 5.77 -2.56
CA GLN A 172 -3.79 7.19 -2.61
C GLN A 172 -5.08 7.47 -3.35
N ILE A 173 -5.90 8.40 -2.82
CA ILE A 173 -7.04 8.93 -3.54
C ILE A 173 -6.71 10.38 -3.92
N GLN A 174 -6.50 10.62 -5.21
CA GLN A 174 -6.15 11.95 -5.68
C GLN A 174 -7.37 12.87 -5.62
N GLU A 175 -7.13 14.16 -5.85
CA GLU A 175 -8.25 15.09 -5.87
C GLU A 175 -9.22 14.77 -7.00
N SER A 176 -8.72 14.19 -8.09
CA SER A 176 -9.56 13.65 -9.16
C SER A 176 -10.37 12.44 -8.74
N GLN A 177 -10.10 11.89 -7.55
CA GLN A 177 -10.63 10.66 -6.97
C GLN A 177 -9.98 9.42 -7.56
N LEU A 178 -9.07 9.56 -8.51
CA LEU A 178 -8.42 8.39 -9.10
C LEU A 178 -7.42 7.80 -8.11
N PRO A 179 -7.33 6.48 -8.02
CA PRO A 179 -6.45 5.83 -7.04
C PRO A 179 -5.05 5.59 -7.58
N VAL A 180 -4.09 5.57 -6.66
CA VAL A 180 -2.71 5.20 -6.95
C VAL A 180 -2.22 4.22 -5.89
N LEU A 181 -1.64 3.10 -6.34
CA LEU A 181 -0.95 2.20 -5.42
C LEU A 181 0.44 2.75 -5.12
N LEU A 182 0.72 3.00 -3.85
CA LEU A 182 1.89 3.78 -3.44
C LEU A 182 3.10 2.94 -3.04
N ASP A 183 2.89 1.71 -2.60
CA ASP A 183 3.87 1.09 -1.73
C ASP A 183 3.48 -0.37 -1.53
N PHE A 184 4.48 -1.27 -1.57
CA PHE A 184 4.28 -2.69 -1.36
C PHE A 184 4.79 -3.16 -0.01
N GLY A 185 5.31 -2.23 0.79
CA GLY A 185 5.77 -2.57 2.12
C GLY A 185 6.97 -3.47 2.16
N SER A 186 7.77 -3.50 1.09
CA SER A 186 8.83 -4.50 0.97
C SER A 186 9.84 -4.37 2.12
N ALA A 187 10.37 -3.18 2.35
CA ALA A 187 11.39 -3.01 3.39
C ALA A 187 10.84 -3.35 4.77
N ARG A 188 9.65 -2.83 5.08
CA ARG A 188 8.99 -3.14 6.34
C ARG A 188 8.85 -4.64 6.54
N LYS A 189 8.40 -5.33 5.50
CA LYS A 189 8.11 -6.76 5.64
C LYS A 189 9.39 -7.56 5.77
N GLU A 190 10.45 -7.15 5.07
CA GLU A 190 11.72 -7.83 5.22
C GLU A 190 12.31 -7.62 6.60
N ILE A 191 12.26 -6.38 7.11
CA ILE A 191 12.72 -6.12 8.47
C ILE A 191 11.93 -6.96 9.46
N GLY A 192 10.61 -7.01 9.30
CA GLY A 192 9.80 -7.78 10.23
C GLY A 192 10.13 -9.26 10.20
N ASN A 193 10.37 -9.80 9.02
CA ASN A 193 10.71 -11.23 8.93
C ASN A 193 12.05 -11.51 9.56
N LEU A 194 13.04 -10.65 9.33
CA LEU A 194 14.38 -10.91 9.88
C LEU A 194 14.43 -10.69 11.38
N SER A 195 13.61 -9.80 11.89
N SER A 195 13.51 -9.82 11.86
CA SER A 195 13.63 -9.41 13.29
CA SER A 195 13.54 -9.43 13.26
C SER A 195 12.64 -10.18 14.15
C SER A 195 12.55 -10.20 14.12
N ASP A 196 11.89 -11.11 13.57
CA ASP A 196 10.80 -11.80 14.24
C ASP A 196 9.74 -10.86 14.76
N GLU A 197 9.66 -9.65 14.19
CA GLU A 197 8.56 -8.73 14.48
C GLU A 197 7.44 -9.04 13.48
N THR A 198 6.86 -10.21 13.68
CA THR A 198 5.84 -10.73 12.79
C THR A 198 4.69 -9.74 12.60
N GLU A 199 4.46 -8.87 13.58
CA GLU A 199 3.30 -7.99 13.55
C GLU A 199 3.38 -6.94 12.45
N ILE A 200 4.56 -6.69 11.87
CA ILE A 200 4.69 -5.72 10.78
C ILE A 200 4.77 -6.39 9.42
N VAL A 201 4.57 -7.71 9.34
CA VAL A 201 4.70 -8.38 8.06
C VAL A 201 3.35 -8.41 7.35
N LEU A 202 2.40 -9.18 7.87
CA LEU A 202 1.06 -9.20 7.28
C LEU A 202 0.12 -8.21 7.97
N LYS A 203 -0.93 -7.82 7.24
CA LYS A 203 -1.89 -6.87 7.75
C LYS A 203 -3.13 -7.62 8.24
N PRO A 204 -3.39 -7.64 9.55
CA PRO A 204 -4.51 -8.44 10.07
C PRO A 204 -5.83 -8.03 9.45
N GLY A 205 -6.58 -9.02 8.98
CA GLY A 205 -7.88 -8.81 8.37
C GLY A 205 -7.81 -8.63 6.86
N PHE A 206 -6.68 -8.15 6.35
CA PHE A 206 -6.45 -8.01 4.92
C PHE A 206 -5.72 -9.20 4.30
N ALA A 207 -4.81 -9.83 5.03
CA ALA A 207 -4.05 -10.96 4.50
C ALA A 207 -4.89 -12.23 4.52
N PRO A 208 -5.03 -12.91 3.39
CA PRO A 208 -5.76 -14.19 3.36
C PRO A 208 -4.93 -15.32 3.95
N ILE A 209 -5.58 -16.48 4.07
CA ILE A 209 -4.99 -17.60 4.83
C ILE A 209 -3.68 -18.06 4.19
N GLU A 210 -3.59 -18.06 2.86
CA GLU A 210 -2.39 -18.60 2.21
C GLU A 210 -1.16 -17.73 2.39
N GLN A 211 -1.31 -16.51 2.88
CA GLN A 211 -0.13 -15.68 3.14
C GLN A 211 0.51 -16.00 4.48
N TYR A 212 -0.19 -16.71 5.37
CA TYR A 212 0.36 -17.03 6.67
C TYR A 212 1.26 -18.27 6.68
N THR A 213 1.49 -18.88 5.51
CA THR A 213 2.40 -20.01 5.20
C THR A 213 1.62 -21.31 5.00
N GLU A 219 0.75 -21.35 -3.89
CA GLU A 219 -0.58 -21.17 -3.33
C GLU A 219 -1.00 -19.70 -3.36
N GLN A 220 -0.02 -18.80 -3.50
CA GLN A 220 -0.32 -17.39 -3.67
C GLN A 220 -0.44 -17.06 -5.15
N GLY A 221 -1.31 -16.10 -5.45
CA GLY A 221 -1.56 -15.68 -6.81
C GLY A 221 -2.47 -14.48 -6.82
N PRO A 222 -3.06 -14.15 -7.97
CA PRO A 222 -3.95 -12.98 -8.02
C PRO A 222 -5.05 -13.00 -6.97
N TRP A 223 -5.58 -14.18 -6.63
CA TRP A 223 -6.60 -14.31 -5.60
C TRP A 223 -6.15 -13.82 -4.23
N THR A 224 -4.83 -13.80 -3.99
CA THR A 224 -4.29 -13.27 -2.74
C THR A 224 -4.52 -11.77 -2.64
N ASP A 225 -4.28 -11.05 -3.72
CA ASP A 225 -4.58 -9.62 -3.75
C ASP A 225 -6.07 -9.36 -3.80
N ILE A 226 -6.83 -10.23 -4.46
CA ILE A 226 -8.26 -10.04 -4.55
C ILE A 226 -8.90 -10.10 -3.17
N TYR A 227 -8.43 -10.99 -2.30
CA TYR A 227 -8.95 -11.05 -0.95
C TYR A 227 -8.71 -9.73 -0.22
N ALA A 228 -7.48 -9.20 -0.30
CA ALA A 228 -7.17 -7.96 0.40
C ALA A 228 -8.02 -6.82 -0.14
N LEU A 229 -8.26 -6.79 -1.46
CA LEU A 229 -9.16 -5.79 -2.01
C LEU A 229 -10.58 -5.96 -1.48
N GLY A 230 -11.06 -7.19 -1.40
CA GLY A 230 -12.32 -7.44 -0.70
C GLY A 230 -12.31 -6.89 0.72
N ALA A 231 -11.21 -7.08 1.43
CA ALA A 231 -11.13 -6.55 2.80
C ALA A 231 -11.16 -5.03 2.82
N VAL A 232 -10.50 -4.39 1.85
CA VAL A 232 -10.59 -2.93 1.73
C VAL A 232 -12.05 -2.52 1.52
N LEU A 233 -12.72 -3.17 0.58
CA LEU A 233 -14.11 -2.80 0.29
C LEU A 233 -15.01 -3.02 1.49
N HIS A 234 -14.82 -4.14 2.18
CA HIS A 234 -15.55 -4.42 3.42
C HIS A 234 -15.33 -3.29 4.42
N THR A 235 -14.09 -2.82 4.57
CA THR A 235 -13.82 -1.73 5.49
C THR A 235 -14.55 -0.45 5.07
N LEU A 236 -14.59 -0.15 3.77
CA LEU A 236 -15.29 1.05 3.33
C LEU A 236 -16.80 0.94 3.57
N ILE A 237 -17.34 -0.26 3.49
CA ILE A 237 -18.79 -0.39 3.54
C ILE A 237 -19.30 -0.43 4.99
N VAL A 238 -18.64 -1.20 5.86
CA VAL A 238 -19.11 -1.33 7.23
C VAL A 238 -18.13 -0.77 8.25
N GLY A 239 -16.98 -0.26 7.82
CA GLY A 239 -16.13 0.51 8.70
C GLY A 239 -14.96 -0.21 9.31
N SER A 240 -14.86 -1.53 9.16
CA SER A 240 -13.75 -2.28 9.74
C SER A 240 -13.50 -3.50 8.87
N PRO A 241 -12.29 -4.05 8.88
CA PRO A 241 -11.98 -5.20 8.03
C PRO A 241 -12.67 -6.46 8.54
N PRO A 242 -12.65 -7.54 7.77
CA PRO A 242 -13.25 -8.78 8.24
C PRO A 242 -12.36 -9.44 9.28
N PRO A 243 -12.82 -10.52 9.90
CA PRO A 243 -11.98 -11.21 10.89
C PRO A 243 -10.68 -11.72 10.30
N VAL A 244 -9.64 -11.75 11.14
CA VAL A 244 -8.34 -12.29 10.74
C VAL A 244 -8.53 -13.65 10.10
N SER A 245 -7.86 -13.87 8.95
CA SER A 245 -8.13 -15.05 8.14
C SER A 245 -7.74 -16.35 8.86
N VAL A 246 -6.71 -16.33 9.70
CA VAL A 246 -6.37 -17.55 10.43
C VAL A 246 -7.48 -17.90 11.41
N VAL A 247 -8.04 -16.89 12.07
CA VAL A 247 -9.17 -17.17 12.96
C VAL A 247 -10.34 -17.73 12.16
N ARG A 248 -10.58 -17.19 10.97
CA ARG A 248 -11.65 -17.70 10.11
C ARG A 248 -11.42 -19.17 9.74
N SER A 249 -10.17 -19.55 9.52
CA SER A 249 -9.85 -20.90 9.08
C SER A 249 -10.12 -21.95 10.16
N ILE A 250 -10.21 -21.53 11.41
CA ILE A 250 -10.58 -22.42 12.50
C ILE A 250 -12.08 -22.49 12.66
N GLU A 251 -12.71 -21.32 12.66
CA GLU A 251 -14.13 -21.15 12.90
C GLU A 251 -14.51 -19.84 12.21
N ASP A 252 -15.25 -19.94 11.10
CA ASP A 252 -15.45 -18.75 10.27
C ASP A 252 -16.64 -17.96 10.81
N SER A 253 -16.35 -16.86 11.50
CA SER A 253 -17.38 -15.96 12.00
C SER A 253 -17.70 -14.82 11.04
N TYR A 254 -17.17 -14.86 9.82
CA TYR A 254 -17.50 -13.81 8.85
C TYR A 254 -18.98 -13.84 8.54
N GLN A 255 -19.64 -12.70 8.73
CA GLN A 255 -21.04 -12.58 8.33
C GLN A 255 -21.10 -11.99 6.94
N PRO A 256 -21.63 -12.70 5.95
CA PRO A 256 -21.70 -12.14 4.59
C PRO A 256 -22.41 -10.80 4.57
N LEU A 257 -21.85 -9.87 3.80
CA LEU A 257 -22.49 -8.58 3.67
C LEU A 257 -23.88 -8.69 3.06
N THR A 258 -24.12 -9.74 2.26
CA THR A 258 -25.47 -9.90 1.71
C THR A 258 -26.50 -10.21 2.78
N GLU A 259 -26.06 -10.74 3.93
CA GLU A 259 -26.94 -10.98 5.06
C GLU A 259 -26.99 -9.78 6.01
N ARG A 260 -25.87 -9.10 6.20
CA ARG A 260 -25.86 -7.91 7.05
C ARG A 260 -26.70 -6.80 6.46
N ARG A 261 -26.70 -6.67 5.13
CA ARG A 261 -27.44 -5.65 4.42
C ARG A 261 -27.20 -4.23 4.94
N PRO A 262 -25.96 -3.73 4.89
CA PRO A 262 -25.73 -2.33 5.23
C PRO A 262 -26.54 -1.41 4.34
N ALA A 263 -27.08 -0.35 4.94
CA ALA A 263 -27.98 0.55 4.23
C ALA A 263 -27.28 1.20 3.04
N GLY A 264 -28.00 1.27 1.92
CA GLY A 264 -27.49 1.95 0.75
C GLY A 264 -26.58 1.12 -0.13
N TYR A 265 -26.51 -0.20 0.07
CA TYR A 265 -25.61 -1.05 -0.72
C TYR A 265 -26.38 -2.16 -1.41
N SER A 266 -26.11 -2.36 -2.71
CA SER A 266 -26.82 -3.32 -3.52
C SER A 266 -26.31 -4.74 -3.25
N PRO A 267 -27.18 -5.73 -3.36
CA PRO A 267 -26.73 -7.12 -3.29
C PRO A 267 -25.60 -7.42 -4.25
N GLU A 268 -25.57 -6.76 -5.40
CA GLU A 268 -24.53 -7.06 -6.39
C GLU A 268 -23.14 -6.68 -5.88
N LEU A 269 -23.00 -5.46 -5.35
CA LEU A 269 -21.71 -5.06 -4.79
C LEU A 269 -21.38 -5.84 -3.54
N LEU A 270 -22.38 -6.10 -2.68
CA LEU A 270 -22.11 -6.84 -1.46
C LEU A 270 -21.66 -8.26 -1.76
N ARG A 271 -22.30 -8.90 -2.75
CA ARG A 271 -21.91 -10.25 -3.13
C ARG A 271 -20.51 -10.29 -3.74
N THR A 272 -20.11 -9.23 -4.44
CA THR A 272 -18.76 -9.18 -5.00
C THR A 272 -17.73 -9.16 -3.89
N VAL A 273 -18.00 -8.39 -2.83
CA VAL A 273 -17.09 -8.33 -1.69
C VAL A 273 -17.03 -9.69 -0.99
N ASP A 274 -18.18 -10.29 -0.71
CA ASP A 274 -18.21 -11.61 -0.08
C ASP A 274 -17.41 -12.64 -0.87
N ARG A 275 -17.53 -12.63 -2.21
CA ARG A 275 -16.82 -13.63 -3.01
C ARG A 275 -15.32 -13.39 -2.98
N ALA A 276 -14.90 -12.12 -3.02
CA ALA A 276 -13.48 -11.80 -2.89
C ALA A 276 -12.95 -12.28 -1.55
N LEU A 277 -13.79 -12.30 -0.52
CA LEU A 277 -13.40 -12.69 0.83
C LEU A 277 -13.66 -14.15 1.11
N ALA A 278 -13.89 -14.97 0.08
CA ALA A 278 -14.02 -16.40 0.31
C ALA A 278 -12.75 -16.91 1.00
N LEU A 279 -12.95 -17.75 2.00
CA LEU A 279 -11.82 -18.19 2.83
C LEU A 279 -10.75 -18.86 1.99
N LYS A 280 -11.13 -19.84 1.16
CA LYS A 280 -10.14 -20.60 0.41
C LYS A 280 -9.86 -19.93 -0.94
N PRO A 281 -8.59 -19.92 -1.38
CA PRO A 281 -8.25 -19.28 -2.66
C PRO A 281 -9.10 -19.73 -3.83
N GLU A 282 -9.39 -21.02 -3.93
CA GLU A 282 -10.10 -21.54 -5.08
C GLU A 282 -11.55 -21.07 -5.15
N ASP A 283 -12.09 -20.57 -4.04
CA ASP A 283 -13.48 -20.11 -4.03
C ASP A 283 -13.62 -18.63 -4.36
N ARG A 284 -12.51 -17.92 -4.54
CA ARG A 284 -12.52 -16.50 -4.85
C ARG A 284 -12.49 -16.30 -6.36
N PRO A 285 -12.81 -15.10 -6.83
CA PRO A 285 -12.45 -14.73 -8.21
C PRO A 285 -10.96 -14.99 -8.42
N GLN A 286 -10.62 -15.57 -9.57
CA GLN A 286 -9.25 -16.00 -9.79
C GLN A 286 -8.38 -14.96 -10.47
N THR A 287 -9.00 -13.95 -11.07
CA THR A 287 -8.32 -12.85 -11.72
C THR A 287 -9.09 -11.58 -11.39
N ILE A 288 -8.42 -10.44 -11.58
CA ILE A 288 -9.11 -9.17 -11.42
C ILE A 288 -10.29 -9.07 -12.38
N ASP A 289 -10.10 -9.49 -13.63
CA ASP A 289 -11.21 -9.48 -14.59
C ASP A 289 -12.41 -10.28 -14.08
N GLU A 290 -12.16 -11.44 -13.46
CA GLU A 290 -13.26 -12.23 -12.91
C GLU A 290 -14.01 -11.45 -11.84
N MET A 291 -13.29 -10.75 -10.98
CA MET A 291 -13.96 -9.99 -9.92
C MET A 291 -14.77 -8.84 -10.51
N ALA A 292 -14.22 -8.16 -11.51
CA ALA A 292 -14.92 -7.03 -12.13
C ALA A 292 -16.20 -7.51 -12.80
N GLU A 293 -16.15 -8.69 -13.40
CA GLU A 293 -17.35 -9.22 -14.06
C GLU A 293 -18.48 -9.47 -13.08
N LEU A 294 -18.16 -9.63 -11.79
CA LEU A 294 -19.19 -9.85 -10.78
C LEU A 294 -20.05 -8.61 -10.57
N LEU A 295 -19.50 -7.45 -10.84
CA LEU A 295 -20.23 -6.21 -10.68
C LEU A 295 -21.12 -5.93 -11.84
N GLU A 296 -21.07 -6.75 -12.86
CA GLU A 296 -21.97 -6.55 -13.96
C GLU A 296 -23.25 -7.33 -13.74
N HIS A 297 -24.13 -7.22 -14.73
CA HIS A 297 -25.49 -7.76 -14.91
C HIS A 297 -26.53 -6.93 -14.22
N HIS A 298 -26.20 -5.81 -13.64
CA HIS A 298 -27.21 -5.03 -12.96
C HIS A 298 -27.36 -3.64 -13.54
#